data_2KF7
#
_entry.id   2KF7
#
_entity_poly.entity_id   1
_entity_poly.type   'polydeoxyribonucleotide'
_entity_poly.pdbx_seq_one_letter_code
;(DG)(DG)(DG)(DT)(DT)(DA)(BGM)(DG)(DG)(DT)(DT)(DA)(DG)(DG)(DG)(DT)(DT)(DA)(DG)
(DG)(DG)(DT)
;
_entity_poly.pdbx_strand_id   A
#
loop_
_chem_comp.id
_chem_comp.type
_chem_comp.name
_chem_comp.formula
BGM DNA linking 8-BROMO-2'-DEOXYGUANOSINE-5'-MONOPHOSPHATE 'C10 H13 Br N5 O7 P'
DA DNA linking 2'-DEOXYADENOSINE-5'-MONOPHOSPHATE 'C10 H14 N5 O6 P'
DG DNA linking 2'-DEOXYGUANOSINE-5'-MONOPHOSPHATE 'C10 H14 N5 O7 P'
DT DNA linking THYMIDINE-5'-MONOPHOSPHATE 'C10 H15 N2 O8 P'
#
# COMPACT_ATOMS: atom_id res chain seq x y z
P BGM A 7 2.69 2.96 0.83
OP1 BGM A 7 3.90 3.01 1.68
OP2 BGM A 7 2.74 3.48 -0.56
O5' BGM A 7 2.18 1.43 0.77
C5' BGM A 7 2.03 0.66 1.98
C4' BGM A 7 1.35 -0.69 1.74
O4' BGM A 7 0.04 -0.48 1.19
C1' BGM A 7 -0.29 -1.64 0.44
N9 BGM A 7 -1.40 -1.29 -0.49
C8 BGM A 7 -2.63 -1.89 -0.57
N7 BGM A 7 -3.38 -1.37 -1.54
C5 BGM A 7 -2.57 -0.39 -2.10
C4 BGM A 7 -1.36 -0.34 -1.46
N3 BGM A 7 -0.31 0.48 -1.72
C2 BGM A 7 -0.57 1.31 -2.73
N2 BGM A 7 0.37 2.18 -3.10
N1 BGM A 7 -1.74 1.33 -3.43
C6 BGM A 7 -2.83 0.51 -3.18
O6 BGM A 7 -3.85 0.61 -3.86
C2' BGM A 7 1.00 -2.06 -0.25
C3' BGM A 7 2.08 -1.63 0.75
O3' BGM A 7 2.57 -2.78 1.47
BR BGM A 7 -3.26 -3.27 0.54
H5' BGM A 7 1.44 1.23 2.68
H5'' BGM A 7 3.02 0.48 2.40
H4' BGM A 7 1.24 -1.21 2.69
H1' BGM A 7 -0.61 -2.43 1.12
H21 BGM A 7 0.19 2.80 -3.86
H22 BGM A 7 1.25 2.20 -2.62
H1 BGM A 7 -1.86 1.99 -4.19
H2' BGM A 7 1.13 -1.48 -1.17
H2'' BGM A 7 1.00 -3.12 -0.47
H3' BGM A 7 2.90 -1.10 0.25
P BGM A 7 2.10 3.48 2.36
OP1 BGM A 7 3.00 3.72 3.51
OP2 BGM A 7 2.62 3.60 0.97
O5' BGM A 7 1.47 2.00 2.53
C5' BGM A 7 1.98 0.90 1.76
C4' BGM A 7 1.28 -0.41 2.11
O4' BGM A 7 -0.11 -0.33 1.73
C1' BGM A 7 -0.46 -1.51 1.01
N9 BGM A 7 -1.53 -1.17 0.05
C8 BGM A 7 -2.81 -1.68 -0.01
N7 BGM A 7 -3.52 -1.17 -1.00
C5 BGM A 7 -2.64 -0.27 -1.62
C4 BGM A 7 -1.43 -0.27 -0.98
N3 BGM A 7 -0.33 0.46 -1.28
C2 BGM A 7 -0.53 1.25 -2.33
N2 BGM A 7 0.45 2.03 -2.77
N1 BGM A 7 -1.72 1.31 -3.03
C6 BGM A 7 -2.85 0.57 -2.74
O6 BGM A 7 -3.86 0.70 -3.42
C2' BGM A 7 0.83 -2.00 0.35
C3' BGM A 7 1.88 -1.62 1.40
O3' BGM A 7 2.05 -2.69 2.34
BR BGM A 7 -3.52 -2.98 1.17
H5' BGM A 7 3.05 0.79 1.95
H5'' BGM A 7 1.82 1.12 0.70
H4' BGM A 7 1.33 -0.56 3.19
H1' BGM A 7 -0.82 -2.27 1.71
H21 BGM A 7 0.30 2.62 -3.56
H22 BGM A 7 1.34 2.02 -2.29
H1 BGM A 7 -1.78 1.94 -3.82
H2' BGM A 7 1.01 -1.43 -0.55
H2'' BGM A 7 0.89 -3.08 0.14
H3' BGM A 7 2.82 -1.36 0.93
P BGM A 7 1.98 3.30 2.22
OP1 BGM A 7 2.95 3.64 3.30
OP2 BGM A 7 2.40 3.41 0.80
O5' BGM A 7 1.45 1.81 2.49
C5' BGM A 7 2.04 0.70 1.81
C4' BGM A 7 1.35 -0.64 2.14
O4' BGM A 7 -0.05 -0.54 1.82
C1' BGM A 7 -0.41 -1.68 1.04
N9 BGM A 7 -1.50 -1.27 0.13
C8 BGM A 7 -2.81 -1.71 0.11
N7 BGM A 7 -3.50 -1.19 -0.88
C5 BGM A 7 -2.59 -0.37 -1.55
C4 BGM A 7 -1.37 -0.41 -0.93
N3 BGM A 7 -0.24 0.25 -1.28
C2 BGM A 7 -0.42 1.01 -2.35
N2 BGM A 7 0.59 1.73 -2.84
N1 BGM A 7 -1.62 1.11 -3.02
C6 BGM A 7 -2.78 0.45 -2.69
O6 BGM A 7 -3.80 0.61 -3.36
C2' BGM A 7 0.85 -2.11 0.32
C3' BGM A 7 1.92 -1.82 1.37
O3' BGM A 7 2.08 -2.95 2.23
BR BGM A 7 -3.55 -2.92 1.35
H5' BGM A 7 3.09 0.63 2.08
H5'' BGM A 7 1.97 0.86 0.74
H4' BGM A 7 1.44 -0.82 3.21
H1' BGM A 7 -0.76 -2.46 1.70
H21 BGM A 7 0.45 2.31 -3.64
H22 BGM A 7 1.49 1.70 -2.38
H1 BGM A 7 -1.67 1.72 -3.83
H2' BGM A 7 1.02 -1.48 -0.55
H2'' BGM A 7 0.68 -3.15 0.01
H3' BGM A 7 2.86 -1.55 0.88
P BGM A 7 1.06 2.85 3.24
OP1 BGM A 7 1.45 3.24 4.60
OP2 BGM A 7 2.00 3.07 2.11
O5' BGM A 7 0.64 1.29 3.26
C5' BGM A 7 1.30 0.34 2.40
C4' BGM A 7 0.67 -1.05 2.49
O4' BGM A 7 -0.65 -1.02 1.92
C1' BGM A 7 -0.69 -2.02 0.89
N9 BGM A 7 -1.68 -1.59 -0.13
C8 BGM A 7 -2.95 -2.08 -0.28
N7 BGM A 7 -3.59 -1.49 -1.28
C5 BGM A 7 -2.68 -0.58 -1.80
C4 BGM A 7 -1.50 -0.64 -1.10
N3 BGM A 7 -0.38 0.10 -1.30
C2 BGM A 7 -0.51 0.95 -2.33
N2 BGM A 7 0.50 1.74 -2.68
N1 BGM A 7 -1.67 1.06 -3.08
C6 BGM A 7 -2.82 0.32 -2.89
O6 BGM A 7 -3.79 0.49 -3.61
C2' BGM A 7 0.74 -2.17 0.40
C3' BGM A 7 1.45 -2.13 1.74
O3' BGM A 7 1.28 -3.39 2.41
BR BGM A 7 -3.74 -3.42 0.77
H5' BGM A 7 2.35 0.28 2.69
H5'' BGM A 7 1.23 0.69 1.36
H4' BGM A 7 0.59 -1.33 3.54
H1' BGM A 7 -1.01 -2.96 1.32
H21 BGM A 7 0.39 2.38 -3.45
H22 BGM A 7 1.37 1.70 -2.16
H1 BGM A 7 -1.69 1.73 -3.83
H2' BGM A 7 1.02 -1.28 -0.17
H2'' BGM A 7 1.19 -3.05 -0.03
H3' BGM A 7 2.50 -1.87 1.63
P BGM A 7 2.00 3.23 1.96
OP1 BGM A 7 3.09 3.40 2.94
OP2 BGM A 7 2.28 3.41 0.51
O5' BGM A 7 1.35 1.78 2.18
C5' BGM A 7 1.90 0.62 1.56
C4' BGM A 7 1.15 -0.64 1.99
O4' BGM A 7 -0.22 -0.55 1.60
C1' BGM A 7 -0.58 -1.73 0.88
N9 BGM A 7 -1.60 -1.36 -0.14
C8 BGM A 7 -2.87 -1.88 -0.28
N7 BGM A 7 -3.53 -1.33 -1.29
C5 BGM A 7 -2.63 -0.40 -1.82
C4 BGM A 7 -1.46 -0.41 -1.11
N3 BGM A 7 -0.36 0.35 -1.33
C2 BGM A 7 -0.50 1.18 -2.36
N2 BGM A 7 0.48 1.99 -2.70
N1 BGM A 7 -1.65 1.25 -3.11
C6 BGM A 7 -2.79 0.48 -2.92
O6 BGM A 7 -3.76 0.63 -3.65
C2' BGM A 7 0.70 -2.27 0.27
C3' BGM A 7 1.70 -1.93 1.38
O3' BGM A 7 1.70 -2.97 2.36
BR BGM A 7 -3.62 -3.22 0.80
H5' BGM A 7 2.95 0.52 1.83
H5'' BGM A 7 1.83 0.72 0.47
H4' BGM A 7 1.20 -0.73 3.07
H1' BGM A 7 -1.00 -2.47 1.56
H21 BGM A 7 0.37 2.62 -3.48
H22 BGM A 7 1.34 1.98 -2.18
H1 BGM A 7 -1.69 1.91 -3.88
H2' BGM A 7 0.96 -1.70 -0.62
H2'' BGM A 7 0.67 -3.33 0.05
H3' BGM A 7 2.71 -1.77 0.97
P BGM A 7 1.08 3.73 3.19
OP1 BGM A 7 0.08 4.43 4.03
OP2 BGM A 7 2.49 3.66 3.64
O5' BGM A 7 0.56 2.23 2.92
C5' BGM A 7 1.45 1.23 2.39
C4' BGM A 7 0.86 -0.17 2.57
O4' BGM A 7 -0.43 -0.23 1.93
C1' BGM A 7 -0.52 -1.45 1.22
N9 BGM A 7 -1.50 -1.25 0.12
C8 BGM A 7 -2.74 -1.80 0.00
N7 BGM A 7 -3.38 -1.40 -1.08
C5 BGM A 7 -2.49 -0.52 -1.70
C4 BGM A 7 -1.33 -0.43 -0.97
N3 BGM A 7 -0.23 0.32 -1.25
C2 BGM A 7 -0.37 1.01 -2.38
N2 BGM A 7 0.63 1.79 -2.80
N1 BGM A 7 -1.49 0.96 -3.17
C6 BGM A 7 -2.62 0.21 -2.90
O6 BGM A 7 -3.58 0.26 -3.67
C2' BGM A 7 0.89 -1.77 0.76
C3' BGM A 7 1.71 -1.29 1.96
O3' BGM A 7 1.86 -2.34 2.93
BR BGM A 7 -3.51 -3.03 1.21
H5' BGM A 7 2.40 1.28 2.93
H5'' BGM A 7 1.62 1.41 1.33
H4' BGM A 7 0.73 -0.37 3.63
H1' BGM A 7 -0.88 -2.24 1.88
H21 BGM A 7 0.52 2.32 -3.67
H22 BGM A 7 1.47 1.86 -2.27
H1 BGM A 7 -1.52 1.51 -4.01
H2' BGM A 7 1.14 -1.16 -0.11
H2'' BGM A 7 0.93 -2.83 0.50
H3' BGM A 7 2.68 -0.91 1.64
P BGM A 7 2.10 3.32 1.44
OP1 BGM A 7 3.13 3.52 2.47
OP2 BGM A 7 2.38 3.67 0.03
O5' BGM A 7 1.64 1.77 1.49
C5' BGM A 7 1.39 1.11 2.73
C4' BGM A 7 0.82 -0.30 2.55
O4' BGM A 7 -0.44 -0.23 1.87
C1' BGM A 7 -0.54 -1.37 1.05
N9 BGM A 7 -1.57 -1.13 0.00
C8 BGM A 7 -2.82 -1.69 -0.08
N7 BGM A 7 -3.49 -1.29 -1.14
C5 BGM A 7 -2.61 -0.42 -1.80
C4 BGM A 7 -1.43 -0.32 -1.10
N3 BGM A 7 -0.34 0.42 -1.42
C2 BGM A 7 -0.51 1.09 -2.56
N2 BGM A 7 0.46 1.88 -3.02
N1 BGM A 7 -1.66 1.05 -3.31
C6 BGM A 7 -2.79 0.30 -3.01
O6 BGM A 7 -3.76 0.32 -3.75
C2' BGM A 7 0.87 -1.62 0.51
C3' BGM A 7 1.71 -1.26 1.73
O3' BGM A 7 1.98 -2.45 2.51
BR BGM A 7 -3.56 -2.87 1.19
H5' BGM A 7 0.67 1.71 3.30
H5'' BGM A 7 2.32 1.04 3.30
H4' BGM A 7 0.65 -0.74 3.53
H1' BGM A 7 -0.84 -2.23 1.65
H21 BGM A 7 0.34 2.40 -3.88
H22 BGM A 7 1.33 1.96 -2.50
H1 BGM A 7 -1.72 1.59 -4.16
H2' BGM A 7 1.07 -0.91 -0.29
H2'' BGM A 7 1.02 -2.64 0.18
H3' BGM A 7 2.64 -0.76 1.44
P BGM A 7 2.55 3.07 1.10
OP1 BGM A 7 3.67 3.10 2.08
OP2 BGM A 7 2.76 3.57 -0.28
O5' BGM A 7 2.02 1.56 1.02
C5' BGM A 7 1.70 0.82 2.21
C4' BGM A 7 1.09 -0.55 1.89
O4' BGM A 7 -0.18 -0.38 1.26
C1' BGM A 7 -0.40 -1.53 0.46
N9 BGM A 7 -1.43 -1.20 -0.54
C8 BGM A 7 -2.67 -1.81 -0.71
N7 BGM A 7 -3.34 -1.30 -1.73
C5 BGM A 7 -2.50 -0.32 -2.25
C4 BGM A 7 -1.34 -0.25 -1.53
N3 BGM A 7 -0.29 0.57 -1.72
C2 BGM A 7 -0.47 1.40 -2.76
N2 BGM A 7 0.47 2.28 -3.09
N1 BGM A 7 -1.61 1.39 -3.54
C6 BGM A 7 -2.70 0.55 -3.35
O6 BGM A 7 -3.67 0.63 -4.10
C2' BGM A 7 0.95 -1.90 -0.13
C3' BGM A 7 1.94 -1.42 0.96
O3' BGM A 7 2.44 -2.56 1.69
BR BGM A 7 -3.35 -3.19 0.36
H5' BGM A 7 0.98 1.39 2.80
H5'' BGM A 7 2.61 0.68 2.79
H4' BGM A 7 0.94 -1.09 2.83
H1' BGM A 7 -0.75 -2.34 1.10
H21 BGM A 7 0.33 2.89 -3.87
H22 BGM A 7 1.32 2.32 -2.54
H1 BGM A 7 -1.68 2.04 -4.31
H2' BGM A 7 1.12 -1.32 -1.04
H2'' BGM A 7 1.09 -2.96 -0.33
H3' BGM A 7 2.75 -0.85 0.52
P BGM A 7 2.47 3.29 2.63
OP1 BGM A 7 3.46 3.18 3.73
OP2 BGM A 7 2.91 3.71 1.28
O5' BGM A 7 1.69 1.88 2.50
C5' BGM A 7 2.28 0.78 1.81
C4' BGM A 7 1.62 -0.53 2.18
O4' BGM A 7 0.22 -0.48 1.87
C1' BGM A 7 -0.13 -1.63 1.11
N9 BGM A 7 -1.22 -1.24 0.18
C8 BGM A 7 -2.49 -1.77 0.10
N7 BGM A 7 -3.21 -1.21 -0.85
C5 BGM A 7 -2.35 -0.27 -1.42
C4 BGM A 7 -1.14 -0.29 -0.79
N3 BGM A 7 -0.04 0.47 -1.06
C2 BGM A 7 -0.25 1.31 -2.06
N2 BGM A 7 0.71 2.14 -2.46
N1 BGM A 7 -1.45 1.40 -2.75
C6 BGM A 7 -2.58 0.63 -2.50
O6 BGM A 7 -3.59 0.78 -3.18
C2' BGM A 7 1.14 -2.09 0.41
C3' BGM A 7 2.20 -1.75 1.44
O3' BGM A 7 2.37 -2.82 2.38
BR BGM A 7 -3.17 -3.11 1.22
H5' BGM A 7 3.34 0.73 2.04
H5'' BGM A 7 2.17 0.94 0.73
H4' BGM A 7 1.73 -0.70 3.26
H1' BGM A 7 -0.49 -2.42 1.77
H21 BGM A 7 0.56 2.78 -3.22
H22 BGM A 7 1.60 2.12 -1.99
H1 BGM A 7 -1.53 2.06 -3.51
H2' BGM A 7 1.29 -1.48 -0.49
H2'' BGM A 7 1.03 -3.15 0.13
H3' BGM A 7 3.14 -1.49 0.96
P BGM A 7 0.51 2.96 3.93
OP1 BGM A 7 -0.65 3.60 4.56
OP2 BGM A 7 1.67 2.56 4.76
O5' BGM A 7 0.01 1.66 3.13
C5' BGM A 7 0.95 0.70 2.60
C4' BGM A 7 0.35 -0.70 2.56
O4' BGM A 7 -0.90 -0.69 1.84
C1' BGM A 7 -0.90 -1.80 0.95
N9 BGM A 7 -1.83 -1.47 -0.15
C8 BGM A 7 -3.08 -2.02 -0.37
N7 BGM A 7 -3.68 -1.49 -1.42
C5 BGM A 7 -2.77 -0.54 -1.90
C4 BGM A 7 -1.64 -0.53 -1.12
N3 BGM A 7 -0.55 0.24 -1.28
C2 BGM A 7 -0.65 1.07 -2.31
N2 BGM A 7 0.35 1.90 -2.59
N1 BGM A 7 -1.74 1.12 -3.13
C6 BGM A 7 -2.89 0.35 -3.00
O6 BGM A 7 -3.82 0.48 -3.78
C2' BGM A 7 0.55 -1.99 0.53
C3' BGM A 7 1.25 -1.73 1.86
O3' BGM A 7 1.29 -2.93 2.63
BR BGM A 7 -3.86 -3.38 0.65
H5' BGM A 7 1.83 0.69 3.24
H5'' BGM A 7 1.24 1.00 1.60
H4' BGM A 7 0.16 -1.05 3.57
H1' BGM A 7 -1.24 -2.68 1.47
H21 BGM A 7 0.27 2.53 -3.39
H22 BGM A 7 1.18 1.90 -2.03
H1 BGM A 7 -1.75 1.79 -3.90
H2' BGM A 7 0.83 -1.21 -0.18
H2'' BGM A 7 0.85 -2.97 0.17
H3' BGM A 7 2.26 -1.32 1.70
#